data_5OU3
#
_entry.id   5OU3
#
_cell.length_a   89.280
_cell.length_b   89.280
_cell.length_c   85.090
_cell.angle_alpha   90.00
_cell.angle_beta   90.00
_cell.angle_gamma   90.00
#
_symmetry.space_group_name_H-M   'I 4'
#
loop_
_entity.id
_entity.type
_entity.pdbx_description
1 polymer "Inosine-5'-monophosphate dehydrogenase,Inosine-5'-monophosphate dehydrogenase"
2 non-polymer 'INOSINIC ACID'
3 non-polymer (2~{S})-~{N}-[5-(4-bromophenyl)-1~{H}-imidazol-2-yl]-2-[4-(1-methylimidazol-4-yl)phenoxy]propanamide
4 water water
#
_entity_poly.entity_id   1
_entity_poly.type   'polypeptide(L)'
_entity_poly.pdbx_seq_one_letter_code
;GSSIAERSVPIAVPVPTGGDDPTKIAMLGLTFDDVLLLPAASDVLPANADTSSQLTKKIRLKVPLVSSAMDTVTEARMAI
AMARAGGMGVLHRNLPVAEQAAQVETVKRSGGLLVGAAVGVGDDAWERAMALRDAGVDVLVVDTAHAHNRKVLDMVHRLK
TTVGDEIEVVGGNVATRAAAAALVEAGADAVKVGVGPGSICTTRVVAGVGAPQITAILEAVAACAPHGVPVIADGGLQYS
GDIAKALAAGASTAMLGSLLAGTAESPGELILVNGKQFKSYRGMGSLGAMQGRGGAKSYSKDRYFQDDALSEDKLVPEGI
EGRVPFRGPLSTVIHQLVGGLRAAMGYTGSATIEELQQAQFVQITAAGLKESHPHDITMTVEAPNYYAR
;
_entity_poly.pdbx_strand_id   A
#
# COMPACT_ATOMS: atom_id res chain seq x y z
N PRO A 14 6.16 -21.62 34.30
CA PRO A 14 6.68 -20.77 33.23
C PRO A 14 5.79 -20.78 31.97
N VAL A 15 5.91 -19.72 31.18
CA VAL A 15 5.26 -19.60 29.87
C VAL A 15 5.70 -20.74 28.94
N PRO A 16 4.75 -21.38 28.22
CA PRO A 16 5.05 -22.59 27.46
C PRO A 16 6.20 -22.42 26.46
N THR A 17 6.44 -21.20 26.01
CA THR A 17 7.51 -20.98 25.05
C THR A 17 8.79 -20.41 25.69
N GLY A 18 8.77 -20.26 27.01
CA GLY A 18 9.99 -19.90 27.71
C GLY A 18 9.96 -18.60 28.48
N GLY A 19 10.66 -18.58 29.60
CA GLY A 19 10.67 -17.41 30.46
C GLY A 19 9.41 -17.35 31.28
N ASP A 20 9.26 -16.26 32.04
CA ASP A 20 8.13 -16.13 32.95
C ASP A 20 7.16 -15.00 32.57
N ASP A 21 7.47 -14.28 31.49
CA ASP A 21 6.70 -13.14 31.01
C ASP A 21 5.76 -13.53 29.87
N PRO A 22 4.49 -13.56 30.09
CA PRO A 22 3.54 -13.82 29.03
C PRO A 22 3.48 -12.79 27.93
N THR A 23 4.01 -11.61 28.12
CA THR A 23 3.89 -10.53 27.15
C THR A 23 5.11 -10.47 26.23
N LYS A 24 6.10 -11.26 26.55
CA LYS A 24 7.31 -11.28 25.76
C LYS A 24 7.05 -11.64 24.32
N ILE A 25 6.25 -12.66 24.16
CA ILE A 25 5.73 -13.09 22.88
C ILE A 25 4.25 -12.77 22.87
N ALA A 26 3.97 -11.65 22.25
CA ALA A 26 2.81 -10.85 22.40
C ALA A 26 1.61 -11.27 21.61
N MET A 27 1.80 -12.11 20.61
CA MET A 27 0.76 -12.43 19.67
C MET A 27 1.25 -13.44 18.69
N LEU A 28 0.32 -14.09 18.00
CA LEU A 28 0.60 -15.00 16.91
C LEU A 28 0.22 -14.29 15.61
N GLY A 29 1.22 -14.03 14.79
CA GLY A 29 1.01 -13.20 13.61
C GLY A 29 0.67 -14.04 12.39
N LEU A 30 -0.47 -13.74 11.79
CA LEU A 30 -0.90 -14.42 10.56
C LEU A 30 -0.59 -13.60 9.32
N THR A 31 -0.23 -14.29 8.26
CA THR A 31 0.00 -13.63 6.98
C THR A 31 -1.08 -14.07 6.01
N PHE A 32 -1.05 -13.55 4.77
CA PHE A 32 -2.13 -13.88 3.84
C PHE A 32 -2.30 -15.38 3.65
N ASP A 33 -1.20 -16.11 3.54
CA ASP A 33 -1.26 -17.54 3.25
C ASP A 33 -1.86 -18.34 4.41
N ASP A 34 -1.99 -17.73 5.59
CA ASP A 34 -2.53 -18.39 6.79
C ASP A 34 -4.05 -18.44 6.82
N VAL A 35 -4.73 -17.67 5.96
CA VAL A 35 -6.18 -17.56 6.04
C VAL A 35 -6.86 -17.71 4.67
N LEU A 36 -8.14 -18.05 4.71
CA LEU A 36 -9.04 -18.01 3.55
C LEU A 36 -10.33 -17.31 3.96
N LEU A 37 -10.97 -16.67 2.99
CA LEU A 37 -12.31 -16.11 3.20
C LEU A 37 -13.36 -17.20 3.12
N LEU A 38 -14.27 -17.17 4.06
CA LEU A 38 -15.37 -18.15 4.09
C LEU A 38 -16.49 -17.67 3.18
N PRO A 39 -16.98 -18.55 2.31
CA PRO A 39 -18.20 -18.19 1.56
C PRO A 39 -19.37 -17.93 2.52
N ALA A 40 -20.29 -17.04 2.11
CA ALA A 40 -21.40 -16.66 2.95
C ALA A 40 -22.65 -16.52 2.08
N ALA A 41 -23.80 -16.35 2.69
CA ALA A 41 -24.99 -16.17 1.93
C ALA A 41 -24.83 -14.99 1.02
N SER A 42 -25.20 -15.15 -0.24
CA SER A 42 -25.02 -14.10 -1.18
C SER A 42 -26.01 -13.93 -2.29
N ASP A 43 -26.43 -12.69 -2.49
CA ASP A 43 -27.22 -12.38 -3.65
C ASP A 43 -26.43 -11.36 -4.47
N VAL A 44 -25.11 -11.43 -4.45
CA VAL A 44 -24.31 -10.49 -5.18
C VAL A 44 -23.55 -11.17 -6.29
N LEU A 45 -23.80 -10.74 -7.51
CA LEU A 45 -23.11 -11.25 -8.64
C LEU A 45 -21.76 -10.52 -8.73
N PRO A 46 -20.69 -11.22 -9.00
CA PRO A 46 -19.38 -10.57 -9.13
C PRO A 46 -19.41 -9.33 -10.02
N ALA A 47 -20.04 -9.44 -11.20
CA ALA A 47 -20.15 -8.34 -12.15
C ALA A 47 -20.86 -7.10 -11.59
N ASN A 48 -21.71 -7.29 -10.58
CA ASN A 48 -22.47 -6.19 -10.00
C ASN A 48 -21.93 -5.58 -8.73
N ALA A 49 -20.91 -6.20 -8.13
CA ALA A 49 -20.37 -5.65 -6.89
C ALA A 49 -19.85 -4.23 -7.12
N ASP A 50 -19.87 -3.43 -6.06
CA ASP A 50 -19.37 -2.06 -6.07
C ASP A 50 -17.97 -2.10 -5.47
N THR A 51 -16.95 -1.79 -6.26
CA THR A 51 -15.56 -1.97 -5.80
C THR A 51 -14.96 -0.66 -5.25
N SER A 52 -15.75 0.40 -5.17
CA SER A 52 -15.20 1.68 -4.71
C SER A 52 -14.84 1.63 -3.23
N SER A 53 -13.86 2.45 -2.84
CA SER A 53 -13.45 2.44 -1.45
C SER A 53 -12.70 3.71 -1.11
N GLN A 54 -12.66 4.05 0.17
CA GLN A 54 -11.93 5.24 0.63
C GLN A 54 -10.43 5.03 0.60
N LEU A 55 -9.72 5.82 -0.20
CA LEU A 55 -8.27 5.97 -0.06
C LEU A 55 -7.94 6.76 1.20
N THR A 56 -8.61 7.89 1.39
CA THR A 56 -8.39 8.71 2.57
C THR A 56 -9.78 9.08 3.12
N LYS A 57 -9.83 9.83 4.21
CA LYS A 57 -11.14 10.26 4.73
C LYS A 57 -12.02 10.93 3.66
N LYS A 58 -11.41 11.75 2.82
CA LYS A 58 -12.17 12.49 1.81
C LYS A 58 -12.21 11.85 0.43
N ILE A 59 -11.16 11.10 0.07
CA ILE A 59 -11.01 10.65 -1.32
C ILE A 59 -11.44 9.21 -1.50
N ARG A 60 -12.38 8.98 -2.39
CA ARG A 60 -12.84 7.64 -2.72
C ARG A 60 -12.35 7.30 -4.13
N LEU A 61 -11.87 6.08 -4.31
CA LEU A 61 -11.42 5.55 -5.59
C LEU A 61 -12.46 4.57 -6.16
N LYS A 62 -12.50 4.42 -7.48
CA LYS A 62 -13.42 3.46 -8.11
C LYS A 62 -12.96 2.02 -7.90
N VAL A 63 -11.64 1.88 -7.81
N VAL A 63 -11.65 1.81 -7.91
CA VAL A 63 -10.96 0.59 -7.64
CA VAL A 63 -11.09 0.50 -7.56
C VAL A 63 -9.97 0.74 -6.49
C VAL A 63 -10.08 0.75 -6.46
N PRO A 64 -10.01 -0.18 -5.50
CA PRO A 64 -9.28 0.08 -4.24
C PRO A 64 -7.79 -0.24 -4.30
N LEU A 65 -7.09 0.31 -5.30
CA LEU A 65 -5.69 -0.08 -5.57
C LEU A 65 -4.82 1.14 -5.84
N VAL A 66 -3.66 1.18 -5.20
CA VAL A 66 -2.72 2.27 -5.40
C VAL A 66 -1.34 1.68 -5.74
N SER A 67 -0.60 2.33 -6.63
CA SER A 67 0.73 1.81 -6.97
C SER A 67 1.79 2.39 -6.02
N SER A 68 2.77 1.56 -5.63
CA SER A 68 3.81 1.94 -4.68
C SER A 68 4.69 3.10 -5.15
N ALA A 69 5.17 3.88 -4.18
CA ALA A 69 6.10 4.99 -4.41
C ALA A 69 7.53 4.46 -4.55
N MET A 70 7.77 3.72 -5.62
CA MET A 70 9.06 3.11 -5.87
C MET A 70 9.50 3.48 -7.29
N ASP A 71 10.80 3.60 -7.48
CA ASP A 71 11.35 4.08 -8.76
C ASP A 71 11.44 3.00 -9.84
N THR A 72 11.00 1.78 -9.53
CA THR A 72 10.77 0.80 -10.58
C THR A 72 9.30 0.49 -10.70
N VAL A 73 8.45 1.33 -10.11
CA VAL A 73 7.01 1.15 -10.22
C VAL A 73 6.23 2.38 -10.69
N THR A 74 6.36 3.51 -10.00
CA THR A 74 5.46 4.65 -10.27
C THR A 74 6.15 5.97 -10.60
N GLU A 75 6.18 6.29 -11.89
CA GLU A 75 6.43 7.65 -12.35
C GLU A 75 5.19 8.10 -13.10
N ALA A 76 5.28 9.16 -13.90
CA ALA A 76 4.07 9.80 -14.42
C ALA A 76 3.22 8.85 -15.24
N ARG A 77 3.86 8.01 -16.04
CA ARG A 77 3.14 7.08 -16.91
C ARG A 77 2.28 6.11 -16.12
N MET A 78 2.86 5.56 -15.06
CA MET A 78 2.08 4.68 -14.18
C MET A 78 0.97 5.44 -13.45
N ALA A 79 1.27 6.63 -12.93
CA ALA A 79 0.26 7.40 -12.19
C ALA A 79 -0.93 7.69 -13.12
N ILE A 80 -0.64 7.93 -14.38
CA ILE A 80 -1.68 8.27 -15.31
C ILE A 80 -2.55 7.04 -15.60
N ALA A 81 -1.90 5.92 -15.87
CA ALA A 81 -2.62 4.69 -16.16
C ALA A 81 -3.45 4.24 -14.95
N MET A 82 -2.89 4.38 -13.75
CA MET A 82 -3.60 3.96 -12.53
C MET A 82 -4.87 4.79 -12.27
N ALA A 83 -4.79 6.10 -12.45
CA ALA A 83 -5.96 6.93 -12.23
C ALA A 83 -7.02 6.65 -13.29
N ARG A 84 -6.60 6.39 -14.53
CA ARG A 84 -7.57 6.07 -15.58
C ARG A 84 -8.25 4.73 -15.33
N ALA A 85 -7.56 3.83 -14.63
CA ALA A 85 -8.14 2.55 -14.27
C ALA A 85 -9.02 2.64 -13.01
N GLY A 86 -9.06 3.81 -12.39
CA GLY A 86 -9.93 4.05 -11.25
C GLY A 86 -9.24 3.98 -9.90
N GLY A 87 -7.92 3.80 -9.92
CA GLY A 87 -7.12 3.80 -8.71
C GLY A 87 -6.29 5.07 -8.61
N MET A 88 -5.08 4.96 -8.08
CA MET A 88 -4.18 6.12 -8.05
C MET A 88 -2.74 5.66 -7.97
N GLY A 89 -1.82 6.48 -8.48
CA GLY A 89 -0.41 6.24 -8.26
C GLY A 89 0.19 7.15 -7.23
N VAL A 90 1.18 6.67 -6.48
CA VAL A 90 1.95 7.55 -5.59
C VAL A 90 3.35 7.72 -6.18
N LEU A 91 3.66 8.93 -6.67
CA LEU A 91 4.94 9.19 -7.30
C LEU A 91 6.11 9.03 -6.31
N HIS A 92 7.14 8.27 -6.70
CA HIS A 92 8.28 8.06 -5.79
C HIS A 92 9.09 9.36 -5.61
N ARG A 93 9.95 9.38 -4.59
CA ARG A 93 10.69 10.58 -4.24
C ARG A 93 12.20 10.44 -4.37
N ASN A 94 12.65 9.41 -5.09
CA ASN A 94 14.09 9.18 -5.32
C ASN A 94 14.57 9.97 -6.54
N LEU A 95 14.23 11.25 -6.63
CA LEU A 95 14.70 12.20 -7.63
C LEU A 95 14.61 13.64 -7.11
N PRO A 96 15.20 14.58 -7.84
CA PRO A 96 15.12 15.97 -7.38
C PRO A 96 13.69 16.49 -7.22
N VAL A 97 13.52 17.43 -6.30
CA VAL A 97 12.20 18.01 -6.01
C VAL A 97 11.53 18.56 -7.28
N ALA A 98 12.33 19.18 -8.15
CA ALA A 98 11.79 19.79 -9.36
C ALA A 98 11.23 18.76 -10.34
N GLU A 99 11.88 17.61 -10.43
CA GLU A 99 11.43 16.57 -11.34
C GLU A 99 10.15 15.91 -10.83
N GLN A 100 10.06 15.71 -9.52
CA GLN A 100 8.87 15.09 -8.93
C GLN A 100 7.66 15.97 -9.16
N ALA A 101 7.81 17.26 -8.83
CA ALA A 101 6.75 18.24 -9.06
C ALA A 101 6.34 18.31 -10.54
N ALA A 102 7.33 18.23 -11.43
CA ALA A 102 7.04 18.19 -12.86
C ALA A 102 6.27 16.93 -13.27
N GLN A 103 6.52 15.82 -12.59
CA GLN A 103 5.77 14.61 -12.87
C GLN A 103 4.31 14.80 -12.43
N VAL A 104 4.10 15.57 -11.38
CA VAL A 104 2.80 15.81 -10.83
C VAL A 104 2.03 16.61 -11.85
N GLU A 105 2.73 17.61 -12.40
CA GLU A 105 2.15 18.48 -13.39
C GLU A 105 1.80 17.71 -14.68
N THR A 106 2.67 16.85 -15.13
CA THR A 106 2.41 15.96 -16.23
C THR A 106 1.16 15.12 -16.08
N VAL A 107 0.94 14.56 -14.91
CA VAL A 107 -0.28 13.82 -14.66
C VAL A 107 -1.50 14.74 -14.82
N LYS A 108 -1.42 15.94 -14.23
CA LYS A 108 -2.53 16.90 -14.30
C LYS A 108 -2.82 17.37 -15.73
N ARG A 109 -1.79 17.38 -16.59
CA ARG A 109 -1.97 17.79 -17.98
C ARG A 109 -2.76 16.75 -18.77
N SER A 110 -3.00 15.59 -18.15
CA SER A 110 -3.75 14.52 -18.78
C SER A 110 -5.19 14.47 -18.28
N GLY A 111 -5.65 15.58 -17.71
CA GLY A 111 -7.02 15.67 -17.22
C GLY A 111 -7.11 15.82 -15.71
N GLY A 112 -8.32 15.71 -15.18
CA GLY A 112 -8.55 15.85 -13.75
C GLY A 112 -8.27 14.55 -13.01
N LEU A 113 -7.06 14.03 -13.18
CA LEU A 113 -6.68 12.75 -12.62
C LEU A 113 -6.12 12.92 -11.21
N LEU A 114 -6.50 12.02 -10.32
CA LEU A 114 -5.93 11.99 -8.97
C LEU A 114 -4.48 11.55 -9.01
N VAL A 115 -3.65 12.15 -8.14
CA VAL A 115 -2.25 11.71 -8.03
C VAL A 115 -1.70 12.01 -6.62
N GLY A 116 -0.86 11.10 -6.11
CA GLY A 116 -0.22 11.31 -4.84
C GLY A 116 1.29 11.35 -5.05
N ALA A 117 1.98 11.79 -3.99
CA ALA A 117 3.42 11.91 -4.06
C ALA A 117 4.05 11.64 -2.70
N ALA A 118 5.17 10.90 -2.69
CA ALA A 118 5.84 10.59 -1.44
C ALA A 118 6.75 11.74 -0.99
N VAL A 119 6.79 11.99 0.31
CA VAL A 119 7.85 12.81 0.89
C VAL A 119 8.42 12.11 2.11
N GLY A 120 9.65 12.47 2.49
CA GLY A 120 10.23 11.94 3.71
C GLY A 120 10.11 12.87 4.90
N VAL A 121 11.07 12.77 5.82
CA VAL A 121 11.10 13.67 6.96
C VAL A 121 12.48 14.34 7.09
N GLY A 122 13.27 14.27 6.03
CA GLY A 122 14.59 14.86 6.02
C GLY A 122 14.59 16.36 5.94
N ASP A 123 15.76 17.00 5.88
CA ASP A 123 15.82 18.44 5.77
C ASP A 123 15.03 19.02 4.64
N ASP A 124 14.96 18.27 3.56
CA ASP A 124 14.49 18.70 2.28
C ASP A 124 13.01 18.42 2.05
N ALA A 125 12.36 17.79 2.98
CA ALA A 125 11.02 17.26 2.84
C ALA A 125 9.94 18.32 2.85
N TRP A 126 10.07 19.30 3.73
CA TRP A 126 9.14 20.39 3.74
C TRP A 126 9.14 21.13 2.42
N GLU A 127 10.32 21.41 1.86
CA GLU A 127 10.41 22.04 0.57
C GLU A 127 9.79 21.18 -0.50
N ARG A 128 10.11 19.90 -0.43
CA ARG A 128 9.49 18.96 -1.36
C ARG A 128 7.96 19.03 -1.31
N ALA A 129 7.41 18.97 -0.11
CA ALA A 129 5.96 18.97 0.11
C ALA A 129 5.29 20.23 -0.44
N MET A 130 5.94 21.37 -0.26
CA MET A 130 5.38 22.63 -0.73
C MET A 130 5.41 22.71 -2.25
N ALA A 131 6.49 22.22 -2.86
CA ALA A 131 6.60 22.17 -4.31
C ALA A 131 5.54 21.26 -4.95
N LEU A 132 5.24 20.14 -4.31
CA LEU A 132 4.25 19.23 -4.82
C LEU A 132 2.88 19.83 -4.68
N ARG A 133 2.71 20.56 -3.61
CA ARG A 133 1.48 21.27 -3.40
C ARG A 133 1.25 22.28 -4.50
N ASP A 134 2.26 23.07 -4.75
CA ASP A 134 2.19 24.02 -5.83
C ASP A 134 1.90 23.37 -7.19
N ALA A 135 2.37 22.14 -7.42
CA ALA A 135 2.19 21.41 -8.66
C ALA A 135 0.77 20.84 -8.81
N GLY A 136 0.00 20.89 -7.73
CA GLY A 136 -1.36 20.42 -7.76
C GLY A 136 -1.59 19.01 -7.24
N VAL A 137 -0.68 18.50 -6.42
CA VAL A 137 -0.83 17.14 -5.90
C VAL A 137 -2.08 17.04 -5.01
N ASP A 138 -2.71 15.87 -5.00
CA ASP A 138 -3.94 15.66 -4.27
C ASP A 138 -3.72 15.04 -2.90
N VAL A 139 -2.73 14.16 -2.85
CA VAL A 139 -2.40 13.39 -1.68
C VAL A 139 -0.92 13.43 -1.40
N LEU A 140 -0.53 13.72 -0.19
CA LEU A 140 0.85 13.65 0.21
C LEU A 140 1.04 12.45 1.11
N VAL A 141 2.03 11.64 0.79
CA VAL A 141 2.28 10.47 1.56
C VAL A 141 3.59 10.62 2.30
N VAL A 142 3.51 10.78 3.59
CA VAL A 142 4.68 10.79 4.41
C VAL A 142 5.10 9.36 4.60
N ASP A 143 6.19 8.98 3.95
CA ASP A 143 6.49 7.61 3.66
C ASP A 143 7.87 7.19 4.18
N THR A 144 7.85 6.36 5.21
CA THR A 144 9.07 5.98 5.92
C THR A 144 9.10 4.54 6.39
N ALA A 145 10.30 4.04 6.62
CA ALA A 145 10.49 2.68 7.10
C ALA A 145 9.80 2.46 8.44
N HIS A 146 9.77 3.51 9.27
CA HIS A 146 9.24 3.41 10.62
C HIS A 146 8.51 4.69 11.02
N ALA A 147 7.18 4.68 11.00
CA ALA A 147 6.44 5.92 11.23
C ALA A 147 6.17 6.16 12.70
N HIS A 148 6.45 5.19 13.57
CA HIS A 148 6.19 5.34 15.00
C HIS A 148 7.31 6.15 15.65
N ASN A 149 7.28 7.45 15.42
CA ASN A 149 8.45 8.29 15.63
C ASN A 149 8.03 9.74 15.65
N ARG A 150 8.54 10.55 16.57
CA ARG A 150 8.14 11.96 16.67
C ARG A 150 8.32 12.77 15.42
N LYS A 151 9.44 12.62 14.72
CA LYS A 151 9.65 13.39 13.50
C LYS A 151 8.57 13.10 12.45
N VAL A 152 8.18 11.84 12.33
CA VAL A 152 7.15 11.51 11.35
C VAL A 152 5.80 12.06 11.78
N LEU A 153 5.50 11.96 13.07
CA LEU A 153 4.22 12.38 13.60
C LEU A 153 4.12 13.89 13.43
N ASP A 154 5.22 14.57 13.73
CA ASP A 154 5.26 16.03 13.60
C ASP A 154 5.06 16.49 12.16
N MET A 155 5.64 15.78 11.20
CA MET A 155 5.49 16.12 9.79
C MET A 155 4.05 15.92 9.33
N VAL A 156 3.45 14.81 9.73
CA VAL A 156 2.07 14.56 9.40
C VAL A 156 1.18 15.70 9.94
N HIS A 157 1.41 16.09 11.18
CA HIS A 157 0.61 17.13 11.81
C HIS A 157 0.84 18.50 11.17
N ARG A 158 2.10 18.85 10.93
CA ARG A 158 2.43 20.10 10.26
C ARG A 158 1.79 20.21 8.91
N LEU A 159 1.83 19.16 8.11
CA LEU A 159 1.17 19.19 6.81
C LEU A 159 -0.35 19.33 6.95
N LYS A 160 -0.94 18.62 7.90
CA LYS A 160 -2.38 18.65 8.04
C LYS A 160 -2.86 20.03 8.46
N THR A 161 -2.05 20.74 9.23
CA THR A 161 -2.48 22.04 9.74
C THR A 161 -2.18 23.15 8.76
N THR A 162 -1.24 22.91 7.84
CA THR A 162 -0.83 23.91 6.85
C THR A 162 -1.53 23.77 5.49
N VAL A 163 -1.52 22.57 4.92
CA VAL A 163 -2.11 22.36 3.60
C VAL A 163 -3.30 21.40 3.68
N GLY A 164 -3.74 21.09 4.90
CA GLY A 164 -4.69 20.01 5.14
C GLY A 164 -6.09 20.14 4.58
N ASP A 165 -6.51 21.33 4.25
CA ASP A 165 -7.86 21.50 3.78
C ASP A 165 -7.98 21.35 2.26
N GLU A 166 -6.86 21.23 1.58
CA GLU A 166 -6.82 21.06 0.13
C GLU A 166 -6.14 19.75 -0.27
N ILE A 167 -5.24 19.27 0.58
CA ILE A 167 -4.48 18.05 0.32
C ILE A 167 -4.73 17.01 1.40
N GLU A 168 -4.90 15.75 1.05
CA GLU A 168 -5.00 14.72 2.06
C GLU A 168 -3.62 14.19 2.40
N VAL A 169 -3.41 13.90 3.65
CA VAL A 169 -2.12 13.50 4.14
C VAL A 169 -2.13 12.07 4.68
N VAL A 170 -1.35 11.20 4.06
CA VAL A 170 -1.20 9.80 4.51
C VAL A 170 0.10 9.63 5.30
N GLY A 171 0.07 8.81 6.35
CA GLY A 171 1.29 8.49 7.08
C GLY A 171 1.55 6.99 7.14
N GLY A 172 2.83 6.62 7.03
CA GLY A 172 3.17 5.20 7.06
C GLY A 172 4.68 5.05 7.08
N ASN A 173 5.17 3.85 7.32
CA ASN A 173 4.37 2.65 7.54
C ASN A 173 4.35 2.24 9.03
N VAL A 174 3.27 1.59 9.43
CA VAL A 174 3.18 1.05 10.78
C VAL A 174 2.84 -0.44 10.78
N ALA A 175 2.97 -1.07 11.95
CA ALA A 175 2.73 -2.50 12.06
C ALA A 175 2.00 -2.89 13.36
N THR A 176 1.67 -1.90 14.19
CA THR A 176 1.01 -2.15 15.48
C THR A 176 -0.17 -1.23 15.68
N ARG A 177 -1.04 -1.64 16.60
CA ARG A 177 -2.19 -0.84 17.01
C ARG A 177 -1.71 0.50 17.57
N ALA A 178 -0.68 0.49 18.42
CA ALA A 178 -0.22 1.73 19.04
C ALA A 178 0.33 2.73 18.00
N ALA A 179 1.07 2.22 17.03
CA ALA A 179 1.67 3.09 16.02
C ALA A 179 0.59 3.75 15.17
N ALA A 180 -0.41 2.96 14.79
CA ALA A 180 -1.51 3.49 13.99
C ALA A 180 -2.29 4.52 14.80
N ALA A 181 -2.51 4.25 16.09
CA ALA A 181 -3.21 5.19 16.97
C ALA A 181 -2.46 6.53 17.01
N ALA A 182 -1.13 6.46 17.04
CA ALA A 182 -0.32 7.68 17.07
C ALA A 182 -0.51 8.48 15.79
N LEU A 183 -0.52 7.83 14.63
CA LEU A 183 -0.75 8.58 13.40
C LEU A 183 -2.15 9.19 13.35
N VAL A 184 -3.14 8.50 13.91
CA VAL A 184 -4.50 9.02 13.95
C VAL A 184 -4.53 10.31 14.80
N GLU A 185 -3.89 10.28 15.91
CA GLU A 185 -3.85 11.43 16.77
C GLU A 185 -3.09 12.62 16.14
N ALA A 186 -2.11 12.34 15.30
CA ALA A 186 -1.34 13.37 14.60
C ALA A 186 -2.15 14.02 13.47
N GLY A 187 -3.27 13.41 13.10
CA GLY A 187 -4.11 13.97 12.06
C GLY A 187 -4.08 13.28 10.71
N ALA A 188 -3.54 12.06 10.63
CA ALA A 188 -3.43 11.37 9.35
C ALA A 188 -4.80 11.15 8.71
N ASP A 189 -4.91 11.31 7.39
CA ASP A 189 -6.20 11.05 6.75
C ASP A 189 -6.33 9.59 6.31
N ALA A 190 -5.20 8.87 6.31
CA ALA A 190 -5.14 7.42 6.09
C ALA A 190 -3.87 6.91 6.74
N VAL A 191 -3.86 5.64 7.07
CA VAL A 191 -2.68 5.07 7.69
C VAL A 191 -2.19 3.88 6.88
N LYS A 192 -0.89 3.82 6.59
CA LYS A 192 -0.38 2.75 5.72
C LYS A 192 0.36 1.69 6.51
N VAL A 193 0.00 0.43 6.28
CA VAL A 193 0.43 -0.67 7.12
C VAL A 193 1.32 -1.62 6.33
N GLY A 194 2.50 -1.90 6.89
CA GLY A 194 3.40 -2.86 6.32
C GLY A 194 4.83 -2.61 6.73
N VAL A 195 5.29 -3.39 7.71
CA VAL A 195 6.70 -3.41 8.08
C VAL A 195 7.17 -4.86 7.95
N GLY A 196 8.01 -5.14 6.94
CA GLY A 196 8.46 -6.49 6.69
C GLY A 196 7.88 -7.35 5.55
N PRO A 197 6.65 -7.08 5.07
CA PRO A 197 6.06 -8.09 4.17
C PRO A 197 6.42 -7.95 2.68
N GLY A 198 7.04 -6.84 2.28
CA GLY A 198 7.29 -6.59 0.85
C GLY A 198 8.07 -7.71 0.18
N SER A 199 7.73 -7.98 -1.08
CA SER A 199 8.42 -9.02 -1.84
C SER A 199 9.92 -8.78 -1.94
N ILE A 200 10.34 -7.52 -2.03
CA ILE A 200 11.77 -7.21 -2.18
C ILE A 200 12.38 -6.76 -0.85
N CYS A 201 11.63 -6.95 0.23
CA CYS A 201 12.04 -6.50 1.55
C CYS A 201 12.91 -7.52 2.26
N THR A 202 14.01 -7.07 2.87
CA THR A 202 14.85 -7.98 3.64
C THR A 202 14.94 -7.53 5.09
N THR A 203 14.05 -6.64 5.51
CA THR A 203 13.95 -6.18 6.90
C THR A 203 13.88 -7.34 7.88
N ARG A 204 13.10 -8.36 7.55
CA ARG A 204 12.98 -9.53 8.40
C ARG A 204 14.29 -10.26 8.62
N VAL A 205 15.10 -10.41 7.58
CA VAL A 205 16.36 -11.14 7.74
C VAL A 205 17.50 -10.24 8.21
N VAL A 206 17.53 -8.99 7.80
CA VAL A 206 18.60 -8.06 8.16
C VAL A 206 18.45 -7.51 9.59
N ALA A 207 17.23 -7.12 9.96
CA ALA A 207 16.98 -6.52 11.26
C ALA A 207 16.27 -7.48 12.22
N GLY A 208 15.68 -8.53 11.66
CA GLY A 208 14.88 -9.45 12.47
C GLY A 208 13.56 -8.83 12.92
N VAL A 209 13.11 -7.82 12.17
CA VAL A 209 11.93 -7.05 12.54
C VAL A 209 10.81 -7.26 11.51
N GLY A 210 9.57 -7.30 11.97
CA GLY A 210 8.45 -7.32 11.04
C GLY A 210 7.16 -7.69 11.74
N ALA A 211 6.07 -7.69 10.99
CA ALA A 211 4.78 -8.10 11.49
C ALA A 211 4.01 -8.75 10.34
N PRO A 212 3.59 -10.00 10.53
CA PRO A 212 2.76 -10.64 9.52
C PRO A 212 1.53 -9.81 9.17
N GLN A 213 1.25 -9.70 7.88
CA GLN A 213 0.37 -8.63 7.39
C GLN A 213 -1.12 -8.73 7.76
N ILE A 214 -1.69 -9.92 7.91
CA ILE A 214 -3.10 -9.98 8.27
C ILE A 214 -3.25 -9.48 9.71
N THR A 215 -2.38 -9.93 10.60
CA THR A 215 -2.44 -9.50 12.00
C THR A 215 -2.15 -7.99 12.07
N ALA A 216 -1.18 -7.50 11.30
CA ALA A 216 -0.88 -6.06 11.29
C ALA A 216 -2.08 -5.21 10.86
N ILE A 217 -2.80 -5.65 9.84
CA ILE A 217 -3.99 -4.94 9.37
C ILE A 217 -5.13 -4.96 10.41
N LEU A 218 -5.39 -6.13 10.98
CA LEU A 218 -6.39 -6.26 12.05
C LEU A 218 -6.10 -5.33 13.22
N GLU A 219 -4.85 -5.30 13.66
CA GLU A 219 -4.43 -4.42 14.75
C GLU A 219 -4.54 -2.94 14.37
N ALA A 220 -4.08 -2.55 13.18
CA ALA A 220 -4.14 -1.15 12.76
C ALA A 220 -5.58 -0.69 12.57
N VAL A 221 -6.42 -1.57 12.04
CA VAL A 221 -7.83 -1.25 11.84
C VAL A 221 -8.54 -1.06 13.18
N ALA A 222 -8.13 -1.80 14.21
CA ALA A 222 -8.73 -1.64 15.53
C ALA A 222 -8.50 -0.22 16.08
N ALA A 223 -7.39 0.40 15.66
CA ALA A 223 -7.08 1.77 16.07
C ALA A 223 -7.66 2.82 15.11
N CYS A 224 -7.78 2.50 13.83
CA CYS A 224 -8.17 3.47 12.81
C CYS A 224 -9.66 3.54 12.52
N ALA A 225 -10.33 2.39 12.37
CA ALA A 225 -11.77 2.37 12.08
C ALA A 225 -12.65 3.17 13.07
N PRO A 226 -12.40 3.08 14.39
CA PRO A 226 -13.24 3.87 15.29
C PRO A 226 -13.17 5.38 15.05
N HIS A 227 -12.11 5.83 14.39
CA HIS A 227 -11.92 7.24 14.10
C HIS A 227 -12.22 7.63 12.65
N GLY A 228 -12.75 6.68 11.87
CA GLY A 228 -13.07 6.90 10.47
C GLY A 228 -11.86 7.10 9.58
N VAL A 229 -10.70 6.56 9.99
CA VAL A 229 -9.48 6.68 9.20
C VAL A 229 -9.22 5.37 8.47
N PRO A 230 -9.18 5.43 7.12
CA PRO A 230 -8.90 4.24 6.29
C PRO A 230 -7.47 3.73 6.42
N VAL A 231 -7.33 2.42 6.37
CA VAL A 231 -6.05 1.72 6.35
C VAL A 231 -5.71 1.25 4.91
N ILE A 232 -4.48 1.56 4.49
CA ILE A 232 -3.90 1.10 3.24
C ILE A 232 -2.99 -0.08 3.53
N ALA A 233 -3.34 -1.25 2.98
CA ALA A 233 -2.50 -2.45 3.15
C ALA A 233 -1.37 -2.45 2.12
N ASP A 234 -0.15 -2.28 2.62
CA ASP A 234 1.03 -2.08 1.78
C ASP A 234 2.09 -3.18 1.90
N GLY A 235 2.21 -4.01 0.87
CA GLY A 235 3.26 -5.02 0.82
C GLY A 235 2.78 -6.44 1.03
N GLY A 236 3.44 -7.36 0.35
CA GLY A 236 3.19 -8.78 0.55
C GLY A 236 2.06 -9.33 -0.29
N LEU A 237 1.45 -8.51 -1.14
CA LEU A 237 0.35 -8.97 -1.96
C LEU A 237 0.91 -9.61 -3.23
N GLN A 238 0.61 -10.90 -3.41
CA GLN A 238 1.19 -11.68 -4.49
C GLN A 238 0.14 -12.08 -5.51
N TYR A 239 -1.10 -12.19 -5.03
CA TYR A 239 -2.19 -12.67 -5.86
C TYR A 239 -3.42 -11.82 -5.65
N SER A 240 -4.34 -11.88 -6.61
CA SER A 240 -5.55 -11.10 -6.54
C SER A 240 -6.32 -11.49 -5.28
N GLY A 241 -6.20 -12.77 -4.87
CA GLY A 241 -6.91 -13.23 -3.69
C GLY A 241 -6.38 -12.58 -2.41
N ASP A 242 -5.11 -12.18 -2.42
CA ASP A 242 -4.55 -11.43 -1.29
C ASP A 242 -5.16 -10.06 -1.12
N ILE A 243 -5.53 -9.40 -2.22
CA ILE A 243 -6.23 -8.13 -2.16
C ILE A 243 -7.56 -8.28 -1.41
N ALA A 244 -8.37 -9.27 -1.80
CA ALA A 244 -9.59 -9.58 -1.10
C ALA A 244 -9.36 -9.85 0.38
N LYS A 245 -8.32 -10.62 0.70
CA LYS A 245 -8.03 -10.88 2.13
C LYS A 245 -7.67 -9.63 2.92
N ALA A 246 -6.86 -8.75 2.32
CA ALA A 246 -6.42 -7.54 3.01
C ALA A 246 -7.60 -6.63 3.31
N LEU A 247 -8.50 -6.50 2.33
CA LEU A 247 -9.72 -5.71 2.54
C LEU A 247 -10.66 -6.34 3.56
N ALA A 248 -10.84 -7.66 3.49
CA ALA A 248 -11.71 -8.28 4.47
C ALA A 248 -11.14 -8.16 5.89
N ALA A 249 -9.82 -8.12 6.01
CA ALA A 249 -9.16 -7.91 7.31
C ALA A 249 -9.42 -6.48 7.85
N GLY A 250 -9.94 -5.63 6.98
CA GLY A 250 -10.35 -4.31 7.39
C GLY A 250 -9.71 -3.15 6.64
N ALA A 251 -8.73 -3.43 5.77
CA ALA A 251 -8.08 -2.35 5.02
C ALA A 251 -9.08 -1.81 4.00
N SER A 252 -8.87 -0.57 3.59
CA SER A 252 -9.81 0.06 2.67
C SER A 252 -9.23 0.06 1.25
N THR A 253 -7.89 0.08 1.17
CA THR A 253 -7.21 -0.06 -0.11
C THR A 253 -5.95 -0.90 0.05
N ALA A 254 -5.39 -1.29 -1.09
CA ALA A 254 -4.16 -2.06 -1.16
C ALA A 254 -3.16 -1.33 -2.03
N MET A 255 -1.93 -1.27 -1.56
CA MET A 255 -0.83 -0.70 -2.34
C MET A 255 -0.01 -1.83 -2.93
N LEU A 256 0.25 -1.76 -4.23
CA LEU A 256 0.95 -2.80 -4.96
C LEU A 256 2.31 -2.36 -5.52
N GLY A 257 3.35 -3.13 -5.24
CA GLY A 257 4.62 -2.96 -5.89
C GLY A 257 4.91 -4.04 -6.92
N SER A 258 5.23 -5.24 -6.43
CA SER A 258 5.57 -6.38 -7.28
C SER A 258 4.59 -6.63 -8.41
N LEU A 259 3.30 -6.61 -8.09
CA LEU A 259 2.27 -6.93 -9.05
C LEU A 259 2.18 -5.95 -10.21
N LEU A 260 2.74 -4.75 -10.04
CA LEU A 260 2.63 -3.75 -11.09
C LEU A 260 3.97 -3.46 -11.75
N ALA A 261 5.07 -3.88 -11.13
CA ALA A 261 6.41 -3.58 -11.65
C ALA A 261 6.70 -4.30 -12.96
N GLY A 262 5.94 -5.34 -13.25
CA GLY A 262 6.14 -6.04 -14.50
C GLY A 262 5.40 -5.42 -15.68
N THR A 263 4.70 -4.30 -15.46
CA THR A 263 3.80 -3.79 -16.49
C THR A 263 4.47 -2.80 -17.47
N ALA A 264 3.81 -2.60 -18.60
CA ALA A 264 4.36 -1.73 -19.66
C ALA A 264 4.60 -0.32 -19.13
N GLU A 265 3.73 0.12 -18.23
CA GLU A 265 3.74 1.51 -17.74
C GLU A 265 4.73 1.79 -16.62
N SER A 266 5.31 0.77 -16.02
CA SER A 266 6.31 1.01 -15.01
C SER A 266 7.61 1.53 -15.64
N PRO A 267 8.44 2.23 -14.85
CA PRO A 267 9.75 2.61 -15.38
C PRO A 267 10.57 1.38 -15.69
N GLY A 268 11.54 1.50 -16.58
CA GLY A 268 12.41 0.40 -16.86
C GLY A 268 12.15 -0.24 -18.21
N GLU A 269 13.12 -0.93 -18.72
CA GLU A 269 12.97 -1.53 -20.02
C GLU A 269 12.80 -3.05 -19.88
N LEU A 270 12.43 -3.72 -20.97
CA LEU A 270 12.38 -5.17 -21.07
C LEU A 270 13.75 -5.78 -20.90
N ILE A 271 13.82 -6.84 -20.10
CA ILE A 271 15.03 -7.63 -19.96
C ILE A 271 14.76 -9.05 -20.46
N LEU A 272 15.57 -9.51 -21.40
CA LEU A 272 15.43 -10.86 -21.92
C LEU A 272 16.45 -11.77 -21.26
N VAL A 273 15.98 -12.71 -20.45
CA VAL A 273 16.86 -13.72 -19.89
C VAL A 273 16.29 -15.11 -20.22
N ASN A 274 17.15 -15.93 -20.82
CA ASN A 274 16.78 -17.29 -21.22
C ASN A 274 15.45 -17.36 -21.96
N GLY A 275 15.27 -16.46 -22.93
CA GLY A 275 14.11 -16.51 -23.81
C GLY A 275 12.82 -15.96 -23.21
N LYS A 276 12.86 -15.53 -21.96
CA LYS A 276 11.65 -14.99 -21.34
C LYS A 276 11.86 -13.52 -20.99
N GLN A 277 10.75 -12.76 -20.94
CA GLN A 277 10.80 -11.31 -20.72
C GLN A 277 10.56 -10.92 -19.28
N PHE A 278 11.38 -9.98 -18.80
CA PHE A 278 11.34 -9.52 -17.42
C PHE A 278 11.48 -8.00 -17.34
N LYS A 279 11.13 -7.42 -16.20
CA LYS A 279 11.56 -6.05 -15.87
C LYS A 279 12.27 -6.04 -14.52
N SER A 280 13.17 -5.08 -14.35
CA SER A 280 13.84 -4.88 -13.07
C SER A 280 12.88 -4.36 -12.00
N TYR A 281 13.00 -4.91 -10.80
CA TYR A 281 12.19 -4.48 -9.65
C TYR A 281 13.09 -4.46 -8.42
N ARG A 282 13.19 -3.31 -7.76
CA ARG A 282 14.15 -3.23 -6.66
C ARG A 282 13.58 -2.46 -5.48
N GLY A 283 14.00 -2.84 -4.28
CA GLY A 283 13.57 -2.16 -3.08
C GLY A 283 14.16 -0.77 -3.00
N MET A 284 13.45 0.15 -2.36
CA MET A 284 13.98 1.47 -2.16
C MET A 284 15.15 1.46 -1.20
N GLY A 285 15.28 0.39 -0.46
CA GLY A 285 16.38 0.23 0.47
C GLY A 285 17.47 -0.68 -0.08
N SER A 286 17.42 -0.97 -1.38
CA SER A 286 18.46 -1.80 -2.01
C SER A 286 19.70 -0.94 -2.24
N LEU A 287 20.84 -1.58 -2.40
CA LEU A 287 22.04 -0.84 -2.76
C LEU A 287 21.88 0.13 -3.88
N GLY A 288 21.40 -0.34 -5.01
CA GLY A 288 21.28 0.50 -6.18
C GLY A 288 20.30 1.65 -6.09
N ALA A 289 19.28 1.51 -5.25
CA ALA A 289 18.33 2.61 -5.04
C ALA A 289 18.94 3.68 -4.15
N MET A 290 19.87 3.26 -3.28
CA MET A 290 20.47 4.19 -2.33
C MET A 290 21.70 4.85 -2.94
N GLN A 291 22.38 4.17 -3.85
CA GLN A 291 23.50 4.80 -4.54
C GLN A 291 22.95 5.50 -5.77
N GLY A 292 22.01 6.42 -5.58
CA GLY A 292 21.35 7.12 -6.68
C GLY A 292 22.09 8.25 -7.38
C LEU A 315 25.12 -0.26 4.30
N VAL A 316 23.86 -0.36 4.76
CA VAL A 316 23.29 -1.65 5.10
C VAL A 316 21.86 -1.74 4.54
N PRO A 317 21.74 -2.36 3.37
CA PRO A 317 20.47 -2.45 2.62
C PRO A 317 19.44 -3.28 3.33
N GLU A 318 18.18 -2.95 3.13
CA GLU A 318 17.08 -3.75 3.64
C GLU A 318 16.12 -4.09 2.52
N GLY A 319 16.64 -4.16 1.31
CA GLY A 319 15.87 -4.55 0.14
C GLY A 319 16.80 -5.10 -0.92
N ILE A 320 16.26 -5.88 -1.83
CA ILE A 320 17.04 -6.47 -2.92
C ILE A 320 16.71 -5.88 -4.28
N GLU A 321 17.61 -6.14 -5.22
CA GLU A 321 17.35 -5.86 -6.63
C GLU A 321 17.02 -7.15 -7.36
N GLY A 322 15.85 -7.19 -7.99
CA GLY A 322 15.42 -8.41 -8.65
C GLY A 322 14.74 -8.16 -9.98
N ARG A 323 14.04 -9.15 -10.49
CA ARG A 323 13.29 -9.08 -11.70
C ARG A 323 11.94 -9.63 -11.46
N VAL A 324 11.02 -9.20 -12.24
CA VAL A 324 9.68 -9.76 -12.25
C VAL A 324 9.30 -10.02 -13.71
N PRO A 325 8.43 -10.95 -13.94
CA PRO A 325 7.99 -11.25 -15.29
C PRO A 325 7.31 -10.07 -15.93
N PHE A 326 7.55 -9.84 -17.21
CA PHE A 326 6.87 -8.79 -17.92
C PHE A 326 5.43 -9.24 -18.05
N ARG A 327 4.49 -8.36 -17.76
CA ARG A 327 3.08 -8.70 -17.78
C ARG A 327 2.22 -8.04 -18.79
N GLY A 328 2.74 -7.08 -19.53
CA GLY A 328 1.96 -6.39 -20.51
C GLY A 328 1.34 -5.13 -19.95
N PRO A 329 0.30 -4.64 -20.60
CA PRO A 329 -0.33 -3.42 -20.16
C PRO A 329 -0.96 -3.50 -18.76
N LEU A 330 -0.90 -2.38 -18.10
CA LEU A 330 -1.47 -2.22 -16.78
C LEU A 330 -2.94 -2.53 -16.76
N SER A 331 -3.64 -2.07 -17.75
CA SER A 331 -5.09 -2.25 -17.83
C SER A 331 -5.48 -3.72 -17.69
N THR A 332 -4.65 -4.60 -18.24
CA THR A 332 -4.88 -6.03 -18.24
C THR A 332 -4.63 -6.65 -16.86
N VAL A 333 -3.54 -6.24 -16.23
CA VAL A 333 -3.25 -6.66 -14.86
C VAL A 333 -4.37 -6.21 -13.91
N ILE A 334 -4.74 -4.94 -13.96
CA ILE A 334 -5.78 -4.41 -13.09
C ILE A 334 -7.11 -5.15 -13.32
N HIS A 335 -7.41 -5.48 -14.57
CA HIS A 335 -8.65 -6.21 -14.87
C HIS A 335 -8.71 -7.56 -14.16
N GLN A 336 -7.63 -8.33 -14.21
CA GLN A 336 -7.63 -9.63 -13.54
C GLN A 336 -7.65 -9.46 -12.02
N LEU A 337 -6.95 -8.45 -11.50
CA LEU A 337 -6.93 -8.21 -10.06
C LEU A 337 -8.32 -7.85 -9.59
N VAL A 338 -8.95 -6.90 -10.27
CA VAL A 338 -10.29 -6.50 -9.90
C VAL A 338 -11.26 -7.67 -10.11
N GLY A 339 -11.01 -8.49 -11.12
CA GLY A 339 -11.81 -9.69 -11.38
C GLY A 339 -11.82 -10.65 -10.20
N GLY A 340 -10.65 -10.82 -9.60
CA GLY A 340 -10.50 -11.72 -8.48
C GLY A 340 -11.23 -11.15 -7.29
N LEU A 341 -11.10 -9.86 -7.06
CA LEU A 341 -11.83 -9.20 -6.01
C LEU A 341 -13.36 -9.31 -6.15
N ARG A 342 -13.84 -9.11 -7.35
CA ARG A 342 -15.26 -9.25 -7.62
C ARG A 342 -15.75 -10.66 -7.28
N ALA A 343 -14.92 -11.65 -7.61
CA ALA A 343 -15.23 -13.05 -7.33
C ALA A 343 -15.38 -13.25 -5.82
N ALA A 344 -14.43 -12.71 -5.05
CA ALA A 344 -14.49 -12.74 -3.59
C ALA A 344 -15.75 -12.06 -3.03
N MET A 345 -16.14 -10.94 -3.63
CA MET A 345 -17.31 -10.21 -3.16
C MET A 345 -18.57 -11.03 -3.44
N GLY A 346 -18.58 -11.74 -4.56
CA GLY A 346 -19.65 -12.69 -4.85
C GLY A 346 -19.73 -13.80 -3.82
N TYR A 347 -18.61 -14.47 -3.58
CA TYR A 347 -18.58 -15.58 -2.62
C TYR A 347 -18.99 -15.19 -1.19
N THR A 348 -18.65 -13.98 -0.79
CA THR A 348 -18.86 -13.54 0.56
C THR A 348 -20.15 -12.73 0.72
N GLY A 349 -20.89 -12.52 -0.37
CA GLY A 349 -22.13 -11.76 -0.31
C GLY A 349 -21.90 -10.29 0.01
N SER A 350 -20.76 -9.78 -0.44
CA SER A 350 -20.39 -8.39 -0.17
C SER A 350 -20.74 -7.47 -1.35
N ALA A 351 -21.73 -6.59 -1.17
CA ALA A 351 -22.15 -5.72 -2.26
C ALA A 351 -21.20 -4.53 -2.44
N THR A 352 -20.46 -4.24 -1.38
CA THR A 352 -19.59 -3.07 -1.30
C THR A 352 -18.33 -3.47 -0.56
N ILE A 353 -17.29 -2.66 -0.65
CA ILE A 353 -16.05 -2.93 0.09
C ILE A 353 -16.31 -2.85 1.59
N GLU A 354 -17.16 -1.94 1.99
CA GLU A 354 -17.56 -1.83 3.37
C GLU A 354 -18.14 -3.12 3.93
N GLU A 355 -18.91 -3.82 3.14
CA GLU A 355 -19.43 -5.12 3.49
C GLU A 355 -18.35 -6.20 3.50
N LEU A 356 -17.46 -6.13 2.54
CA LEU A 356 -16.35 -7.10 2.49
C LEU A 356 -15.49 -7.04 3.75
N GLN A 357 -15.32 -5.83 4.28
CA GLN A 357 -14.55 -5.61 5.51
C GLN A 357 -15.14 -6.31 6.73
N GLN A 358 -16.36 -6.84 6.62
CA GLN A 358 -16.99 -7.57 7.72
C GLN A 358 -17.00 -9.08 7.50
N ALA A 359 -16.37 -9.52 6.41
CA ALA A 359 -16.31 -10.94 6.10
C ALA A 359 -15.48 -11.73 7.13
N GLN A 360 -15.73 -13.04 7.21
CA GLN A 360 -15.01 -13.91 8.15
C GLN A 360 -13.97 -14.80 7.47
N PHE A 361 -12.93 -15.14 8.22
CA PHE A 361 -11.86 -16.03 7.77
C PHE A 361 -11.92 -17.41 8.41
N VAL A 362 -11.30 -18.37 7.76
CA VAL A 362 -10.90 -19.64 8.35
C VAL A 362 -9.37 -19.65 8.34
N GLN A 363 -8.76 -20.10 9.43
CA GLN A 363 -7.31 -20.25 9.47
C GLN A 363 -6.93 -21.62 8.94
N ILE A 364 -5.89 -21.71 8.12
CA ILE A 364 -5.51 -23.02 7.57
C ILE A 364 -4.18 -23.48 8.15
N THR A 365 -3.86 -24.74 7.96
CA THR A 365 -2.62 -25.28 8.49
C THR A 365 -1.55 -25.26 7.41
N ALA A 366 -0.34 -25.67 7.79
CA ALA A 366 0.77 -25.78 6.85
C ALA A 366 0.49 -26.74 5.70
N ALA A 367 -0.30 -27.78 5.96
CA ALA A 367 -0.67 -28.73 4.91
C ALA A 367 -1.53 -28.05 3.85
N GLY A 368 -2.14 -26.94 4.26
CA GLY A 368 -3.06 -26.20 3.42
C GLY A 368 -2.46 -25.48 2.23
N LEU A 369 -1.13 -25.50 2.13
CA LEU A 369 -0.46 -24.95 0.96
C LEU A 369 0.36 -26.03 0.27
#